data_6TCF
#
_entry.id   6TCF
#
_cell.length_a   63.153
_cell.length_b   89.507
_cell.length_c   61.498
_cell.angle_alpha   90.000
_cell.angle_beta   96.960
_cell.angle_gamma   90.000
#
_symmetry.space_group_name_H-M   'C 1 2 1'
#
loop_
_entity.id
_entity.type
_entity.pdbx_description
1 polymer 'Genome polyprotein'
2 polymer 'Genome polyprotein'
3 non-polymer 'PHOSPHATE ION'
4 non-polymer 'DIMETHYL SULFOXIDE'
5 non-polymer 'methyl quinoline-6-carboxylate'
6 water water
#
loop_
_entity_poly.entity_id
_entity_poly.type
_entity_poly.pdbx_seq_one_letter_code
_entity_poly.pdbx_strand_id
1 'polypeptide(L)'
;APPTLWSRVTKFGSGWGFWVSPTVFITTTHVIPTSAKEFFGEPLTSIAIHRAGEFTLFRFSKKIRPDLTGMILEEGCPEG
TVCSVLIKRDSGELLPLAVRMGAIASMRIQGRLVHGQSGMLLTGANAKGMDLGTIPGDCGAPYVYKRANDWVVCGVHAAA
TKSGNTVVCAVQ
;
A
2 'polypeptide(L)'
;PTLWSRVTKFGSGWGFWVSPTVFITTTHVIPTSAKEFFGEPLTSIAIHRAGEFTLFRFSKKIRPDLTGMILEEGCPEGTV
CSVLIKRDSGELLPLAVRMGAIASMRIQGRLVHGQSGMLLTGANAKGMDLGTIPGDCGAPYVYKRANDWVVCGVHAAATK
SGNTVVCAVQA
;
B
#
loop_
_chem_comp.id
_chem_comp.type
_chem_comp.name
_chem_comp.formula
DMS non-polymer 'DIMETHYL SULFOXIDE' 'C2 H6 O S'
N1E non-polymer 'methyl quinoline-6-carboxylate' 'C11 H9 N O2'
PO4 non-polymer 'PHOSPHATE ION' 'O4 P -3'
#
# COMPACT_ATOMS: atom_id res chain seq x y z
N ALA A 1 9.50 2.54 -3.30
CA ALA A 1 9.86 2.41 -4.74
C ALA A 1 10.55 3.70 -5.15
N PRO A 2 11.54 3.69 -6.07
CA PRO A 2 12.35 4.88 -6.31
C PRO A 2 11.57 6.01 -6.95
N PRO A 3 11.88 7.27 -6.54
CA PRO A 3 11.33 8.48 -7.17
C PRO A 3 11.39 8.47 -8.69
N THR A 4 12.43 7.94 -9.31
CA THR A 4 12.49 7.93 -10.80
C THR A 4 11.37 7.04 -11.35
N LEU A 5 10.96 5.97 -10.65
CA LEU A 5 9.81 5.16 -11.16
C LEU A 5 8.48 5.92 -10.97
N TRP A 6 8.26 6.62 -9.86
CA TRP A 6 6.99 7.38 -9.65
C TRP A 6 6.88 8.52 -10.71
N SER A 7 8.00 9.13 -11.11
CA SER A 7 8.01 10.24 -12.10
CA SER A 7 8.00 10.25 -12.08
C SER A 7 7.56 9.77 -13.48
N ARG A 8 7.65 8.45 -13.76
CA ARG A 8 7.24 7.84 -15.09
C ARG A 8 5.71 7.60 -15.15
N VAL A 9 5.04 7.59 -14.00
CA VAL A 9 3.58 7.30 -13.89
C VAL A 9 2.82 8.61 -14.14
N THR A 10 2.04 8.70 -15.22
CA THR A 10 1.41 9.97 -15.63
C THR A 10 -0.10 9.80 -15.93
N LYS A 11 -0.88 10.79 -15.50
CA LYS A 11 -2.37 10.71 -15.64
C LYS A 11 -2.71 10.63 -17.14
N PHE A 12 -3.64 9.76 -17.52
CA PHE A 12 -3.92 9.49 -18.96
C PHE A 12 -5.34 8.95 -19.12
N GLY A 13 -6.20 9.68 -19.85
CA GLY A 13 -7.61 9.27 -20.08
C GLY A 13 -8.33 8.99 -18.77
N SER A 14 -8.95 7.82 -18.62
CA SER A 14 -9.69 7.41 -17.38
C SER A 14 -8.78 6.73 -16.35
N GLY A 15 -7.46 6.78 -16.55
CA GLY A 15 -6.47 6.02 -15.78
C GLY A 15 -5.09 6.64 -15.87
N TRP A 16 -4.09 5.79 -16.18
CA TRP A 16 -2.64 6.07 -16.09
C TRP A 16 -1.89 5.41 -17.25
N GLY A 17 -0.68 5.90 -17.52
CA GLY A 17 0.34 5.22 -18.34
C GLY A 17 1.70 5.42 -17.74
N PHE A 18 2.70 4.85 -18.41
CA PHE A 18 4.07 4.67 -17.87
C PHE A 18 5.09 4.90 -18.99
N TRP A 19 6.00 5.86 -18.78
CA TRP A 19 7.19 6.13 -19.63
C TRP A 19 8.31 5.13 -19.33
N VAL A 20 8.47 4.16 -20.24
CA VAL A 20 9.61 3.20 -20.32
C VAL A 20 10.90 3.92 -20.72
N SER A 21 10.80 4.90 -21.62
CA SER A 21 11.97 5.67 -22.12
C SER A 21 11.49 7.05 -22.57
N PRO A 22 12.39 7.95 -23.07
CA PRO A 22 11.94 9.23 -23.59
C PRO A 22 10.96 9.16 -24.78
N THR A 23 10.92 8.03 -25.51
CA THR A 23 10.02 7.88 -26.68
C THR A 23 8.91 6.83 -26.50
N VAL A 24 8.92 6.04 -25.44
CA VAL A 24 8.01 4.86 -25.34
C VAL A 24 7.09 4.99 -24.12
N PHE A 25 5.76 4.99 -24.37
CA PHE A 25 4.69 5.12 -23.35
C PHE A 25 3.79 3.88 -23.41
N ILE A 26 3.53 3.24 -22.28
CA ILE A 26 2.60 2.06 -22.22
C ILE A 26 1.40 2.37 -21.36
N THR A 27 0.28 1.70 -21.61
CA THR A 27 -1.01 1.94 -20.89
C THR A 27 -1.98 0.82 -21.22
N THR A 28 -3.14 0.86 -20.56
CA THR A 28 -4.20 -0.16 -20.71
C THR A 28 -5.15 0.33 -21.82
N THR A 29 -5.40 -0.47 -22.85
CA THR A 29 -6.13 -0.04 -24.08
C THR A 29 -7.44 0.69 -23.71
N HIS A 30 -8.19 0.21 -22.71
CA HIS A 30 -9.56 0.71 -22.42
C HIS A 30 -9.56 2.10 -21.78
N VAL A 31 -8.45 2.61 -21.23
CA VAL A 31 -8.38 3.96 -20.60
C VAL A 31 -8.11 5.04 -21.68
N ILE A 32 -7.74 4.66 -22.90
CA ILE A 32 -7.39 5.61 -23.98
C ILE A 32 -8.66 6.32 -24.45
N PRO A 33 -8.64 7.67 -24.58
CA PRO A 33 -9.78 8.42 -25.10
C PRO A 33 -10.06 8.05 -26.56
N THR A 34 -11.28 7.62 -26.86
CA THR A 34 -11.66 6.82 -28.06
C THR A 34 -11.46 7.62 -29.35
N SER A 35 -11.85 8.90 -29.34
CA SER A 35 -11.82 9.86 -30.50
C SER A 35 -10.50 10.63 -30.62
N ALA A 36 -9.45 10.33 -29.85
CA ALA A 36 -8.27 11.22 -29.75
C ALA A 36 -7.40 11.10 -31.01
N LYS A 37 -6.92 12.24 -31.54
CA LYS A 37 -6.12 12.29 -32.80
C LYS A 37 -4.78 12.98 -32.54
N GLU A 38 -4.50 13.35 -31.29
CA GLU A 38 -3.26 14.08 -30.92
C GLU A 38 -2.81 13.64 -29.52
N PHE A 39 -1.52 13.35 -29.32
CA PHE A 39 -0.99 12.98 -27.97
C PHE A 39 0.34 13.69 -27.75
N PHE A 40 0.44 14.40 -26.63
CA PHE A 40 1.66 15.12 -26.17
C PHE A 40 2.13 16.06 -27.28
N GLY A 41 1.17 16.72 -27.93
CA GLY A 41 1.44 17.69 -29.02
C GLY A 41 1.60 17.02 -30.37
N GLU A 42 1.69 15.68 -30.44
CA GLU A 42 2.07 15.00 -31.71
C GLU A 42 0.82 14.46 -32.41
N PRO A 43 0.79 14.51 -33.77
CA PRO A 43 -0.28 13.87 -34.54
C PRO A 43 -0.09 12.35 -34.59
N LEU A 44 -1.22 11.63 -34.74
CA LEU A 44 -1.26 10.14 -34.84
C LEU A 44 -0.36 9.63 -35.98
N THR A 45 -0.20 10.44 -37.05
CA THR A 45 0.62 10.14 -38.27
C THR A 45 2.08 9.91 -37.87
N SER A 46 2.51 10.52 -36.76
CA SER A 46 3.93 10.57 -36.30
C SER A 46 4.16 9.65 -35.11
N ILE A 47 3.22 8.74 -34.78
CA ILE A 47 3.31 7.82 -33.61
C ILE A 47 3.04 6.38 -34.06
N ALA A 48 3.88 5.41 -33.66
CA ALA A 48 3.67 3.95 -33.92
C ALA A 48 2.96 3.31 -32.72
N ILE A 49 1.70 2.94 -32.94
CA ILE A 49 0.79 2.39 -31.91
C ILE A 49 0.72 0.87 -32.10
N HIS A 50 1.22 0.12 -31.10
CA HIS A 50 1.24 -1.37 -31.03
C HIS A 50 0.23 -1.84 -29.98
N ARG A 51 -0.85 -2.45 -30.45
CA ARG A 51 -1.98 -2.94 -29.62
C ARG A 51 -1.97 -4.47 -29.53
N ALA A 52 -1.94 -5.01 -28.32
CA ALA A 52 -2.21 -6.45 -28.10
C ALA A 52 -3.27 -6.61 -27.02
N GLY A 53 -4.54 -6.71 -27.42
CA GLY A 53 -5.63 -6.85 -26.43
C GLY A 53 -5.65 -5.66 -25.50
N GLU A 54 -5.43 -5.86 -24.19
CA GLU A 54 -5.54 -4.72 -23.21
C GLU A 54 -4.19 -4.03 -22.98
N PHE A 55 -3.13 -4.41 -23.69
CA PHE A 55 -1.81 -3.73 -23.65
C PHE A 55 -1.65 -2.87 -24.91
N THR A 56 -1.34 -1.59 -24.74
CA THR A 56 -1.05 -0.64 -25.84
C THR A 56 0.30 0.05 -25.57
N LEU A 57 1.18 0.06 -26.58
CA LEU A 57 2.50 0.77 -26.54
C LEU A 57 2.46 1.88 -27.59
N PHE A 58 2.88 3.08 -27.20
CA PHE A 58 3.02 4.27 -28.08
C PHE A 58 4.53 4.50 -28.26
N ARG A 59 5.06 4.55 -29.49
CA ARG A 59 6.49 4.90 -29.78
C ARG A 59 6.52 6.19 -30.60
N PHE A 60 7.00 7.28 -30.00
CA PHE A 60 6.99 8.65 -30.60
C PHE A 60 8.27 8.82 -31.43
N SER A 61 8.19 9.66 -32.47
N SER A 61 8.19 9.66 -32.47
CA SER A 61 9.31 10.00 -33.37
CA SER A 61 9.34 9.98 -33.35
C SER A 61 10.24 11.06 -32.73
C SER A 61 10.24 11.05 -32.72
N LYS A 62 9.81 11.72 -31.66
CA LYS A 62 10.62 12.73 -30.90
C LYS A 62 10.63 12.40 -29.40
N LYS A 63 11.63 12.90 -28.65
CA LYS A 63 11.79 12.66 -27.20
C LYS A 63 10.77 13.51 -26.44
N ILE A 64 9.69 12.91 -25.97
CA ILE A 64 8.67 13.60 -25.12
C ILE A 64 9.20 13.75 -23.68
N ARG A 65 9.95 12.77 -23.16
CA ARG A 65 10.43 12.77 -21.74
C ARG A 65 11.95 12.61 -21.75
N PRO A 66 12.69 13.63 -22.24
CA PRO A 66 14.16 13.57 -22.31
C PRO A 66 14.88 13.59 -20.95
N ASP A 67 14.14 13.84 -19.86
CA ASP A 67 14.65 13.72 -18.48
C ASP A 67 14.88 12.22 -18.13
N LEU A 68 14.28 11.27 -18.86
CA LEU A 68 14.33 9.81 -18.52
C LEU A 68 15.44 9.02 -19.24
N THR A 69 15.96 8.01 -18.54
CA THR A 69 16.73 6.87 -19.11
C THR A 69 15.76 5.75 -19.53
N GLY A 70 16.07 5.04 -20.61
CA GLY A 70 15.31 3.84 -21.06
C GLY A 70 15.46 2.72 -20.04
N MET A 71 14.38 2.02 -19.67
CA MET A 71 14.54 0.87 -18.72
C MET A 71 14.06 -0.43 -19.39
N ILE A 72 14.21 -1.55 -18.67
CA ILE A 72 13.78 -2.89 -19.18
C ILE A 72 12.25 -3.10 -19.06
N LEU A 73 11.58 -3.44 -20.16
CA LEU A 73 10.17 -3.90 -20.23
C LEU A 73 10.16 -5.36 -20.67
N GLU A 74 9.57 -6.19 -19.86
CA GLU A 74 9.45 -7.65 -20.13
C GLU A 74 8.00 -8.09 -20.29
N GLU A 75 7.82 -9.26 -20.89
CA GLU A 75 6.49 -9.84 -21.21
C GLU A 75 6.02 -10.63 -19.98
N GLY A 76 5.54 -9.95 -18.96
CA GLY A 76 5.20 -10.60 -17.68
C GLY A 76 6.43 -10.97 -16.88
N CYS A 77 6.25 -11.77 -15.83
CA CYS A 77 7.33 -12.21 -14.91
C CYS A 77 7.09 -13.66 -14.50
N PRO A 78 8.14 -14.31 -13.93
CA PRO A 78 8.03 -15.69 -13.44
C PRO A 78 6.94 -15.84 -12.39
N GLU A 79 6.24 -16.98 -12.43
CA GLU A 79 5.31 -17.33 -11.33
C GLU A 79 6.07 -17.17 -10.04
N GLY A 80 5.42 -16.62 -9.01
CA GLY A 80 5.97 -16.49 -7.65
C GLY A 80 6.64 -15.16 -7.41
N THR A 81 6.92 -14.35 -8.46
CA THR A 81 7.50 -12.98 -8.33
C THR A 81 6.56 -12.14 -7.45
N VAL A 82 7.10 -11.39 -6.51
CA VAL A 82 6.34 -10.29 -5.82
C VAL A 82 6.60 -8.98 -6.58
N CYS A 83 5.54 -8.37 -7.09
CA CYS A 83 5.55 -7.05 -7.78
C CYS A 83 4.92 -5.98 -6.89
N SER A 84 5.19 -4.72 -7.18
CA SER A 84 4.48 -3.52 -6.66
C SER A 84 3.69 -2.90 -7.81
N VAL A 85 2.40 -2.59 -7.61
CA VAL A 85 1.58 -1.79 -8.55
C VAL A 85 1.65 -0.31 -8.13
N LEU A 86 2.23 0.58 -8.96
CA LEU A 86 2.52 2.00 -8.59
C LEU A 86 1.24 2.83 -8.83
N ILE A 87 0.41 2.88 -7.81
CA ILE A 87 -0.90 3.55 -7.82
C ILE A 87 -0.79 4.92 -7.13
N LYS A 88 -1.21 5.97 -7.82
CA LYS A 88 -1.32 7.34 -7.24
C LYS A 88 -2.79 7.58 -6.81
N ARG A 89 -2.97 8.15 -5.62
CA ARG A 89 -4.31 8.41 -5.01
C ARG A 89 -4.42 9.85 -4.50
N ASP A 90 -5.66 10.30 -4.42
CA ASP A 90 -6.02 11.72 -4.19
C ASP A 90 -5.12 12.27 -3.07
N SER A 91 -4.04 12.98 -3.47
CA SER A 91 -3.39 14.07 -2.70
C SER A 91 -1.88 13.88 -2.56
N GLY A 92 -1.19 13.48 -3.62
CA GLY A 92 0.25 13.12 -3.51
C GLY A 92 0.46 11.91 -2.62
N GLU A 93 -0.60 11.12 -2.34
CA GLU A 93 -0.35 9.81 -1.68
C GLU A 93 0.00 8.77 -2.75
N LEU A 94 1.01 7.96 -2.40
CA LEU A 94 1.67 6.96 -3.26
C LEU A 94 1.40 5.57 -2.64
N LEU A 95 0.71 4.70 -3.40
CA LEU A 95 0.31 3.39 -2.89
C LEU A 95 0.96 2.27 -3.74
N PRO A 96 2.18 1.79 -3.37
CA PRO A 96 2.81 0.63 -4.04
C PRO A 96 2.26 -0.72 -3.52
N LEU A 97 1.14 -1.18 -4.09
CA LEU A 97 0.41 -2.37 -3.58
C LEU A 97 1.22 -3.62 -3.96
N ALA A 98 1.51 -4.45 -2.96
CA ALA A 98 2.25 -5.75 -3.09
C ALA A 98 1.30 -6.80 -3.67
N VAL A 99 1.77 -7.55 -4.67
N VAL A 99 1.74 -7.45 -4.74
CA VAL A 99 0.97 -8.58 -5.42
CA VAL A 99 1.03 -8.61 -5.37
C VAL A 99 1.90 -9.76 -5.73
C VAL A 99 2.02 -9.77 -5.51
N ARG A 100 1.52 -11.00 -5.38
CA ARG A 100 2.25 -12.24 -5.81
C ARG A 100 1.69 -12.66 -7.17
N MET A 101 2.56 -12.80 -8.17
CA MET A 101 2.08 -13.06 -9.55
C MET A 101 1.95 -14.59 -9.75
N GLY A 102 0.98 -14.96 -10.59
CA GLY A 102 0.65 -16.35 -10.97
C GLY A 102 0.70 -16.53 -12.48
N ALA A 103 -0.13 -17.40 -13.05
CA ALA A 103 -0.04 -17.80 -14.47
C ALA A 103 -0.75 -16.77 -15.35
N ILE A 104 -0.38 -16.74 -16.65
CA ILE A 104 -1.20 -16.11 -17.72
C ILE A 104 -2.58 -16.80 -17.71
N ALA A 105 -3.66 -16.03 -17.75
CA ALA A 105 -5.06 -16.53 -17.60
C ALA A 105 -6.04 -15.81 -18.53
N SER A 106 -7.12 -16.49 -18.90
CA SER A 106 -8.32 -15.88 -19.52
C SER A 106 -9.47 -16.06 -18.53
N MET A 107 -10.14 -14.93 -18.22
CA MET A 107 -11.16 -14.80 -17.15
C MET A 107 -12.28 -13.90 -17.68
N ARG A 108 -13.44 -14.01 -17.05
CA ARG A 108 -14.61 -13.13 -17.22
C ARG A 108 -14.79 -12.33 -15.91
N ILE A 109 -14.54 -11.02 -15.96
CA ILE A 109 -14.61 -10.07 -14.81
C ILE A 109 -15.64 -8.98 -15.13
N GLN A 110 -16.66 -8.87 -14.28
CA GLN A 110 -17.77 -7.90 -14.45
C GLN A 110 -18.29 -8.05 -15.90
N GLY A 111 -18.44 -9.30 -16.37
CA GLY A 111 -19.02 -9.60 -17.70
C GLY A 111 -18.07 -9.37 -18.89
N ARG A 112 -16.94 -8.66 -18.72
CA ARG A 112 -15.92 -8.43 -19.78
C ARG A 112 -14.94 -9.62 -19.88
N LEU A 113 -14.43 -9.94 -21.07
CA LEU A 113 -13.45 -11.06 -21.24
C LEU A 113 -12.07 -10.44 -21.16
N VAL A 114 -11.24 -10.98 -20.27
CA VAL A 114 -9.93 -10.38 -19.90
C VAL A 114 -8.85 -11.45 -20.02
N HIS A 115 -7.71 -11.11 -20.62
CA HIS A 115 -6.55 -12.02 -20.81
C HIS A 115 -5.28 -11.32 -20.31
N GLY A 116 -4.57 -11.92 -19.36
CA GLY A 116 -3.29 -11.33 -18.89
C GLY A 116 -2.63 -12.15 -17.80
N GLN A 117 -1.65 -11.57 -17.09
CA GLN A 117 -1.00 -12.29 -15.96
C GLN A 117 -1.80 -12.05 -14.66
N SER A 118 -2.31 -13.14 -14.08
CA SER A 118 -3.10 -13.08 -12.83
C SER A 118 -2.14 -12.90 -11.64
N GLY A 119 -2.64 -12.29 -10.57
CA GLY A 119 -1.91 -12.16 -9.31
C GLY A 119 -2.90 -12.00 -8.15
N MET A 120 -2.41 -12.11 -6.92
CA MET A 120 -3.24 -12.04 -5.69
C MET A 120 -2.61 -10.99 -4.78
N LEU A 121 -3.42 -10.05 -4.31
CA LEU A 121 -2.89 -8.96 -3.44
C LEU A 121 -2.39 -9.55 -2.12
N LEU A 122 -1.29 -8.96 -1.61
CA LEU A 122 -0.65 -9.25 -0.31
C LEU A 122 -0.82 -8.08 0.67
N THR A 123 -1.92 -7.32 0.53
CA THR A 123 -2.21 -6.14 1.38
C THR A 123 -3.12 -6.49 2.56
N GLY A 124 -4.04 -7.46 2.43
CA GLY A 124 -5.07 -7.77 3.44
C GLY A 124 -6.05 -8.79 2.90
N ALA A 125 -6.92 -9.31 3.74
CA ALA A 125 -8.02 -10.22 3.33
C ALA A 125 -9.21 -9.36 2.86
N ASN A 126 -10.05 -9.87 1.96
CA ASN A 126 -11.31 -9.17 1.62
C ASN A 126 -10.95 -7.71 1.31
N ALA A 127 -10.05 -7.54 0.33
CA ALA A 127 -9.41 -6.24 -0.04
C ALA A 127 -10.26 -5.47 -1.06
N LYS A 128 -11.58 -5.56 -0.97
CA LYS A 128 -12.54 -4.84 -1.82
C LYS A 128 -12.46 -3.35 -1.45
N GLY A 129 -12.36 -2.43 -2.40
CA GLY A 129 -12.38 -0.99 -2.04
C GLY A 129 -11.01 -0.37 -1.91
N MET A 130 -10.99 0.93 -1.60
CA MET A 130 -9.87 1.84 -1.94
C MET A 130 -8.74 1.78 -0.91
N ASP A 131 -9.01 1.40 0.35
CA ASP A 131 -7.97 1.39 1.43
C ASP A 131 -6.90 0.29 1.22
N LEU A 132 -7.32 -0.96 0.88
CA LEU A 132 -6.38 -2.11 0.72
C LEU A 132 -6.31 -2.64 -0.73
N GLY A 133 -7.19 -2.19 -1.63
CA GLY A 133 -7.34 -2.75 -3.00
C GLY A 133 -7.31 -1.70 -4.11
N THR A 134 -7.63 -2.16 -5.33
CA THR A 134 -7.71 -1.35 -6.56
C THR A 134 -9.12 -0.85 -6.77
N ILE A 135 -9.19 0.26 -7.51
CA ILE A 135 -10.43 0.95 -8.02
C ILE A 135 -10.28 1.11 -9.54
N PRO A 136 -11.39 1.32 -10.28
CA PRO A 136 -11.31 1.40 -11.75
C PRO A 136 -10.36 2.50 -12.26
N GLY A 137 -10.21 3.61 -11.50
CA GLY A 137 -9.26 4.73 -11.82
C GLY A 137 -7.78 4.32 -11.81
N ASP A 138 -7.45 3.11 -11.32
CA ASP A 138 -6.05 2.63 -11.22
C ASP A 138 -5.61 1.96 -12.53
N CYS A 139 -6.50 1.72 -13.49
CA CYS A 139 -6.13 0.96 -14.72
C CYS A 139 -5.02 1.73 -15.45
N GLY A 140 -4.01 0.99 -15.92
CA GLY A 140 -2.83 1.58 -16.60
C GLY A 140 -1.64 1.73 -15.65
N ALA A 141 -1.82 1.64 -14.32
CA ALA A 141 -0.70 1.67 -13.36
C ALA A 141 0.29 0.50 -13.62
N PRO A 142 1.64 0.73 -13.55
CA PRO A 142 2.62 -0.31 -13.87
C PRO A 142 2.86 -1.34 -12.76
N TYR A 143 3.08 -2.57 -13.18
CA TYR A 143 3.60 -3.70 -12.35
C TYR A 143 5.14 -3.70 -12.47
N VAL A 144 5.83 -3.45 -11.35
CA VAL A 144 7.32 -3.42 -11.31
C VAL A 144 7.89 -4.37 -10.25
N TYR A 145 9.15 -4.81 -10.40
CA TYR A 145 9.91 -5.51 -9.34
C TYR A 145 11.40 -5.25 -9.55
N LYS A 146 12.13 -5.44 -8.45
CA LYS A 146 13.61 -5.29 -8.38
C LYS A 146 14.29 -6.66 -8.55
N ARG A 147 15.31 -6.70 -9.40
CA ARG A 147 16.22 -7.86 -9.50
C ARG A 147 17.48 -7.55 -8.68
N ALA A 148 18.59 -8.22 -9.02
CA ALA A 148 19.94 -8.01 -8.47
C ALA A 148 20.13 -6.54 -8.12
N ASN A 149 20.26 -5.66 -9.12
CA ASN A 149 20.60 -4.23 -8.90
C ASN A 149 19.65 -3.30 -9.66
N ASP A 150 18.76 -3.83 -10.48
CA ASP A 150 17.88 -2.98 -11.32
C ASP A 150 16.39 -3.36 -11.20
N TRP A 151 15.55 -2.42 -11.61
CA TRP A 151 14.08 -2.53 -11.61
C TRP A 151 13.59 -2.86 -13.02
N VAL A 152 12.54 -3.64 -13.10
CA VAL A 152 11.90 -4.13 -14.35
C VAL A 152 10.43 -3.73 -14.31
N VAL A 153 9.87 -3.37 -15.47
CA VAL A 153 8.40 -3.23 -15.64
C VAL A 153 7.89 -4.39 -16.48
N CYS A 154 6.81 -5.06 -16.06
CA CYS A 154 6.33 -6.29 -16.75
C CYS A 154 4.84 -6.22 -17.14
N GLY A 155 4.20 -5.08 -17.02
CA GLY A 155 2.78 -4.93 -17.48
C GLY A 155 2.05 -3.72 -16.88
N VAL A 156 0.78 -3.57 -17.22
CA VAL A 156 -0.10 -2.47 -16.73
C VAL A 156 -1.42 -3.03 -16.20
N HIS A 157 -1.97 -2.40 -15.16
CA HIS A 157 -3.17 -2.85 -14.42
C HIS A 157 -4.38 -2.83 -15.37
N ALA A 158 -5.02 -3.98 -15.55
CA ALA A 158 -6.14 -4.13 -16.52
C ALA A 158 -7.46 -4.42 -15.80
N ALA A 159 -7.44 -5.17 -14.71
CA ALA A 159 -8.74 -5.63 -14.10
C ALA A 159 -8.55 -6.18 -12.70
N ALA A 160 -9.64 -6.20 -11.93
CA ALA A 160 -9.69 -6.81 -10.58
C ALA A 160 -11.04 -7.49 -10.39
N THR A 161 -11.03 -8.63 -9.71
CA THR A 161 -12.29 -9.31 -9.39
C THR A 161 -13.06 -8.49 -8.34
N LYS A 162 -14.37 -8.76 -8.28
CA LYS A 162 -15.32 -8.15 -7.31
C LYS A 162 -14.82 -8.31 -5.87
N SER A 163 -14.23 -9.46 -5.49
CA SER A 163 -13.76 -9.71 -4.10
C SER A 163 -12.53 -8.85 -3.78
N GLY A 164 -11.83 -8.40 -4.83
CA GLY A 164 -10.59 -7.60 -4.75
C GLY A 164 -9.33 -8.46 -4.67
N ASN A 165 -9.44 -9.77 -4.36
CA ASN A 165 -8.27 -10.65 -4.12
C ASN A 165 -7.44 -10.88 -5.39
N THR A 166 -8.05 -11.06 -6.57
CA THR A 166 -7.32 -11.33 -7.84
C THR A 166 -7.23 -10.03 -8.67
N VAL A 167 -6.02 -9.72 -9.21
CA VAL A 167 -5.77 -8.66 -10.21
C VAL A 167 -5.21 -9.29 -11.51
N VAL A 168 -5.37 -8.59 -12.63
CA VAL A 168 -4.77 -8.96 -13.95
C VAL A 168 -3.91 -7.80 -14.51
N CYS A 169 -2.67 -8.13 -14.79
CA CYS A 169 -1.65 -7.32 -15.47
C CYS A 169 -1.72 -7.62 -16.98
N ALA A 170 -2.09 -6.69 -17.86
CA ALA A 170 -1.93 -6.87 -19.33
C ALA A 170 -0.44 -6.82 -19.67
N VAL A 171 0.01 -7.65 -20.62
CA VAL A 171 1.46 -7.87 -20.92
C VAL A 171 1.68 -7.70 -22.42
N GLN A 172 2.92 -7.39 -22.77
CA GLN A 172 3.37 -7.18 -24.16
C GLN A 172 3.36 -8.54 -24.86
N PRO B 1 -13.71 10.10 3.16
CA PRO B 1 -13.62 9.27 4.39
C PRO B 1 -12.70 8.04 4.22
N THR B 2 -11.53 8.04 4.87
CA THR B 2 -10.53 6.93 4.73
C THR B 2 -9.92 6.57 6.10
N LEU B 3 -9.72 5.27 6.31
CA LEU B 3 -8.81 4.72 7.35
C LEU B 3 -7.50 5.48 7.36
N TRP B 4 -6.91 5.75 6.18
CA TRP B 4 -5.54 6.32 6.08
C TRP B 4 -5.47 7.68 6.78
N SER B 5 -6.57 8.47 6.74
CA SER B 5 -6.55 9.83 7.37
C SER B 5 -6.40 9.77 8.89
N ARG B 6 -6.73 8.63 9.51
CA ARG B 6 -6.61 8.39 10.99
C ARG B 6 -5.15 8.13 11.40
N VAL B 7 -4.28 7.75 10.46
CA VAL B 7 -2.83 7.46 10.76
C VAL B 7 -2.05 8.77 10.76
N THR B 8 -1.38 9.10 11.85
CA THR B 8 -0.86 10.46 12.20
C THR B 8 0.58 10.35 12.70
N LYS B 9 1.49 11.19 12.18
CA LYS B 9 2.89 11.29 12.67
C LYS B 9 2.88 11.71 14.15
N PHE B 10 3.66 11.06 15.01
CA PHE B 10 3.61 11.30 16.46
C PHE B 10 4.89 10.85 17.15
N GLY B 11 5.52 11.75 17.93
CA GLY B 11 6.83 11.48 18.54
C GLY B 11 7.81 10.88 17.53
N SER B 12 8.43 9.74 17.84
CA SER B 12 9.42 9.09 16.93
C SER B 12 8.73 8.04 16.05
N GLY B 13 7.39 8.05 16.02
CA GLY B 13 6.65 7.17 15.09
C GLY B 13 5.29 7.69 14.65
N TRP B 14 4.26 6.89 14.91
CA TRP B 14 2.87 7.11 14.42
C TRP B 14 1.88 6.77 15.54
N GLY B 15 0.62 7.15 15.31
CA GLY B 15 -0.55 6.71 16.07
C GLY B 15 -1.80 6.71 15.22
N PHE B 16 -2.96 6.38 15.81
CA PHE B 16 -4.22 6.15 15.07
C PHE B 16 -5.41 6.68 15.86
N TRP B 17 -6.20 7.53 15.22
CA TRP B 17 -7.46 8.09 15.78
C TRP B 17 -8.58 7.04 15.67
N VAL B 18 -8.95 6.46 16.82
CA VAL B 18 -10.09 5.49 16.95
C VAL B 18 -11.40 6.26 16.83
N SER B 19 -11.46 7.47 17.42
CA SER B 19 -12.66 8.36 17.42
C SER B 19 -12.23 9.82 17.48
N PRO B 20 -13.17 10.78 17.47
CA PRO B 20 -12.80 12.19 17.67
C PRO B 20 -11.97 12.49 18.92
N THR B 21 -12.10 11.70 19.99
CA THR B 21 -11.42 11.95 21.30
C THR B 21 -10.38 10.88 21.66
N VAL B 22 -10.24 9.79 20.89
CA VAL B 22 -9.38 8.66 21.35
C VAL B 22 -8.29 8.40 20.31
N PHE B 23 -7.03 8.42 20.78
CA PHE B 23 -5.81 8.22 19.97
C PHE B 23 -4.97 7.10 20.59
N ILE B 24 -4.48 6.16 19.77
CA ILE B 24 -3.68 5.01 20.31
C ILE B 24 -2.29 5.01 19.66
N THR B 25 -1.25 4.59 20.39
CA THR B 25 0.14 4.60 19.88
C THR B 25 0.93 3.54 20.63
N THR B 26 2.19 3.36 20.21
CA THR B 26 3.20 2.51 20.84
C THR B 26 3.91 3.32 21.93
N THR B 27 3.93 2.80 23.16
CA THR B 27 4.41 3.54 24.38
C THR B 27 5.79 4.15 24.12
N HIS B 28 6.75 3.41 23.53
CA HIS B 28 8.17 3.89 23.36
C HIS B 28 8.32 5.04 22.33
N VAL B 29 7.32 5.35 21.46
CA VAL B 29 7.48 6.52 20.52
C VAL B 29 7.02 7.84 21.19
N ILE B 30 6.37 7.78 22.34
CA ILE B 30 5.77 8.99 22.98
C ILE B 30 6.90 9.89 23.49
N PRO B 31 6.89 11.22 23.19
CA PRO B 31 7.85 12.14 23.82
C PRO B 31 7.89 12.07 25.36
N THR B 32 9.07 12.12 25.98
CA THR B 32 9.23 12.11 27.46
C THR B 32 9.33 13.55 27.99
N SER B 33 9.40 14.53 27.10
CA SER B 33 9.35 15.96 27.50
C SER B 33 8.20 16.64 26.74
N ALA B 34 7.11 17.02 27.43
CA ALA B 34 5.95 17.69 26.79
C ALA B 34 5.01 18.33 27.81
N LYS B 35 4.41 19.45 27.42
CA LYS B 35 3.33 20.10 28.21
C LYS B 35 1.99 19.96 27.47
N GLU B 36 1.98 19.56 26.21
CA GLU B 36 0.72 19.50 25.42
C GLU B 36 0.88 18.55 24.24
N PHE B 37 -0.22 17.93 23.81
CA PHE B 37 -0.27 17.13 22.56
C PHE B 37 -1.43 17.65 21.73
N PHE B 38 -1.21 17.84 20.43
CA PHE B 38 -2.29 18.29 19.50
C PHE B 38 -2.96 19.56 20.03
N GLY B 39 -2.20 20.43 20.70
CA GLY B 39 -2.69 21.74 21.23
C GLY B 39 -3.45 21.64 22.54
N GLU B 40 -3.68 20.44 23.11
CA GLU B 40 -4.43 20.29 24.40
C GLU B 40 -3.45 20.09 25.54
N PRO B 41 -3.56 20.84 26.67
CA PRO B 41 -2.62 20.69 27.78
C PRO B 41 -2.71 19.27 28.33
N LEU B 42 -1.55 18.69 28.66
CA LEU B 42 -1.43 17.31 29.18
C LEU B 42 -2.29 17.15 30.43
N THR B 43 -2.47 18.23 31.18
CA THR B 43 -3.36 18.24 32.36
C THR B 43 -4.78 17.76 32.03
N SER B 44 -5.27 17.96 30.81
CA SER B 44 -6.66 17.60 30.39
C SER B 44 -6.68 16.29 29.59
N ILE B 45 -5.56 15.54 29.55
CA ILE B 45 -5.43 14.26 28.78
C ILE B 45 -5.33 13.08 29.75
N ALA B 46 -6.25 12.14 29.60
CA ALA B 46 -6.26 10.83 30.27
C ALA B 46 -5.30 9.87 29.56
N ILE B 47 -4.27 9.35 30.26
CA ILE B 47 -3.28 8.43 29.64
C ILE B 47 -3.38 7.07 30.33
N HIS B 48 -3.69 6.03 29.54
CA HIS B 48 -3.84 4.61 29.97
C HIS B 48 -2.79 3.73 29.27
N ARG B 49 -1.82 3.24 30.03
CA ARG B 49 -0.67 2.49 29.50
C ARG B 49 -0.78 1.05 29.99
N ALA B 50 -0.60 0.09 29.08
CA ALA B 50 -0.44 -1.34 29.35
C ALA B 50 0.75 -1.81 28.51
N GLY B 51 1.95 -1.84 29.10
CA GLY B 51 3.20 -2.16 28.38
C GLY B 51 3.43 -1.28 27.17
N GLU B 52 3.53 -1.86 25.97
CA GLU B 52 3.85 -1.09 24.74
C GLU B 52 2.57 -0.52 24.09
N PHE B 53 1.38 -0.68 24.68
CA PHE B 53 0.14 -0.05 24.15
C PHE B 53 -0.21 1.16 25.05
N THR B 54 -0.37 2.35 24.47
CA THR B 54 -0.89 3.56 25.19
C THR B 54 -2.12 4.10 24.48
N LEU B 55 -3.17 4.41 25.25
CA LEU B 55 -4.39 5.13 24.80
C LEU B 55 -4.49 6.49 25.51
N PHE B 56 -4.68 7.55 24.73
CA PHE B 56 -5.04 8.94 25.14
C PHE B 56 -6.54 9.20 24.90
N ARG B 57 -7.23 9.70 25.93
CA ARG B 57 -8.63 10.20 25.82
CA ARG B 57 -8.63 10.20 25.80
C ARG B 57 -8.62 11.71 26.10
N PHE B 58 -8.93 12.52 25.10
CA PHE B 58 -8.93 14.02 25.14
C PHE B 58 -10.28 14.51 25.71
N SER B 59 -10.36 15.70 26.33
CA SER B 59 -11.64 16.23 26.86
C SER B 59 -12.37 17.07 25.80
N LYS B 60 -11.73 17.39 24.69
CA LYS B 60 -12.34 18.10 23.54
C LYS B 60 -12.25 17.22 22.28
N LYS B 61 -13.17 17.39 21.31
CA LYS B 61 -13.07 16.67 20.02
C LYS B 61 -11.89 17.23 19.23
N ILE B 62 -10.83 16.45 19.06
CA ILE B 62 -9.64 16.87 18.25
C ILE B 62 -9.96 16.54 16.77
N ARG B 63 -10.69 15.46 16.49
CA ARG B 63 -10.93 15.01 15.08
C ARG B 63 -12.43 14.80 14.87
N PRO B 64 -13.24 15.89 14.88
CA PRO B 64 -14.69 15.78 14.79
C PRO B 64 -15.24 15.26 13.46
N ASP B 65 -14.38 15.18 12.45
CA ASP B 65 -14.66 14.63 11.08
C ASP B 65 -14.76 13.11 11.04
N LEU B 66 -14.33 12.42 12.10
CA LEU B 66 -14.28 10.92 12.17
C LEU B 66 -15.49 10.37 12.93
N THR B 67 -16.03 9.20 12.52
CA THR B 67 -16.86 8.31 13.38
C THR B 67 -16.01 7.40 14.30
N GLY B 68 -16.58 6.95 15.41
CA GLY B 68 -15.95 6.00 16.34
C GLY B 68 -15.88 4.63 15.66
N MET B 69 -14.77 3.93 15.87
CA MET B 69 -14.46 2.58 15.32
C MET B 69 -14.44 1.56 16.45
N ILE B 70 -14.61 0.28 16.10
CA ILE B 70 -14.46 -0.87 17.03
C ILE B 70 -12.96 -1.06 17.35
N LEU B 71 -12.59 -0.88 18.62
CA LEU B 71 -11.25 -1.27 19.20
C LEU B 71 -11.38 -2.56 20.04
N GLU B 72 -10.58 -3.60 19.72
CA GLU B 72 -10.57 -4.87 20.49
C GLU B 72 -9.16 -5.23 21.00
N GLU B 73 -9.11 -6.16 21.94
CA GLU B 73 -7.85 -6.59 22.60
CA GLU B 73 -7.84 -6.59 22.59
C GLU B 73 -7.25 -7.72 21.74
N GLY B 74 -6.51 -7.36 20.69
CA GLY B 74 -5.99 -8.37 19.73
C GLY B 74 -7.13 -8.95 18.90
N CYS B 75 -6.83 -10.00 18.15
CA CYS B 75 -7.85 -10.73 17.33
C CYS B 75 -7.69 -12.24 17.46
N PRO B 76 -8.68 -13.03 16.96
CA PRO B 76 -8.55 -14.49 16.98
C PRO B 76 -7.29 -14.94 16.25
N GLU B 77 -6.63 -15.97 16.78
CA GLU B 77 -5.44 -16.60 16.12
C GLU B 77 -5.86 -16.95 14.68
N GLY B 78 -5.01 -16.66 13.71
CA GLY B 78 -5.20 -16.99 12.28
C GLY B 78 -5.84 -15.86 11.49
N THR B 79 -6.36 -14.81 12.14
CA THR B 79 -6.90 -13.64 11.44
C THR B 79 -5.76 -13.06 10.59
N VAL B 80 -6.02 -12.75 9.32
CA VAL B 80 -5.09 -11.91 8.51
C VAL B 80 -5.42 -10.41 8.71
N CYS B 81 -4.55 -9.71 9.44
CA CYS B 81 -4.64 -8.23 9.60
C CYS B 81 -3.81 -7.53 8.50
N SER B 82 -4.02 -6.23 8.38
CA SER B 82 -3.18 -5.29 7.59
C SER B 82 -2.54 -4.30 8.57
N VAL B 83 -1.24 -4.13 8.47
CA VAL B 83 -0.57 -3.03 9.21
C VAL B 83 -0.50 -1.80 8.28
N LEU B 84 -1.09 -0.67 8.74
CA LEU B 84 -1.26 0.53 7.88
C LEU B 84 -0.04 1.41 8.03
N ILE B 85 1.03 1.12 7.28
CA ILE B 85 2.33 1.84 7.42
C ILE B 85 2.32 3.11 6.55
N LYS B 86 2.61 4.26 7.16
CA LYS B 86 2.90 5.52 6.42
C LYS B 86 4.40 5.82 6.43
N ARG B 87 4.93 6.38 5.34
CA ARG B 87 6.37 6.79 5.25
C ARG B 87 6.46 8.30 4.94
N ASP B 88 7.55 8.93 5.33
CA ASP B 88 7.74 10.39 5.08
C ASP B 88 7.88 10.67 3.58
N SER B 89 8.07 9.67 2.70
CA SER B 89 7.99 9.85 1.21
C SER B 89 6.59 10.29 0.75
N GLY B 90 5.55 10.05 1.52
CA GLY B 90 4.15 10.07 1.04
C GLY B 90 3.62 8.68 0.63
N GLU B 91 4.46 7.65 0.72
CA GLU B 91 4.01 6.24 0.47
C GLU B 91 3.14 5.75 1.64
N LEU B 92 2.08 5.04 1.25
CA LEU B 92 1.18 4.21 2.09
C LEU B 92 1.48 2.72 1.82
N LEU B 93 1.77 1.92 2.84
CA LEU B 93 2.20 0.50 2.64
C LEU B 93 1.36 -0.39 3.52
N PRO B 94 0.20 -0.85 3.02
CA PRO B 94 -0.60 -1.86 3.74
C PRO B 94 -0.01 -3.26 3.53
N LEU B 95 0.46 -3.88 4.60
CA LEU B 95 1.12 -5.21 4.55
C LEU B 95 0.25 -6.24 5.31
N ALA B 96 -0.11 -7.32 4.64
CA ALA B 96 -0.79 -8.47 5.28
C ALA B 96 0.09 -9.16 6.33
N VAL B 97 -0.49 -9.45 7.50
CA VAL B 97 0.11 -10.25 8.61
C VAL B 97 -0.86 -11.33 9.10
N ARG B 98 -0.37 -12.58 9.15
CA ARG B 98 -1.11 -13.71 9.77
C ARG B 98 -0.86 -13.65 11.28
N MET B 99 -1.91 -13.39 12.07
CA MET B 99 -1.77 -13.17 13.52
C MET B 99 -1.77 -14.53 14.25
N GLY B 100 -0.92 -14.63 15.27
CA GLY B 100 -0.69 -15.85 16.08
C GLY B 100 -1.11 -15.64 17.52
N ALA B 101 -0.37 -16.27 18.43
CA ALA B 101 -0.58 -16.23 19.89
C ALA B 101 -0.03 -14.96 20.50
N ILE B 102 -0.60 -14.64 21.66
CA ILE B 102 -0.01 -13.71 22.67
C ILE B 102 1.28 -14.36 23.20
N ALA B 103 2.34 -13.60 23.25
CA ALA B 103 3.68 -14.13 23.55
C ALA B 103 4.57 -13.02 24.08
N SER B 104 5.61 -13.41 24.80
N SER B 104 5.62 -13.44 24.75
CA SER B 104 6.79 -12.55 25.05
CA SER B 104 6.82 -12.65 25.09
C SER B 104 7.93 -13.09 24.17
C SER B 104 7.95 -13.12 24.15
N MET B 105 8.60 -12.21 23.43
CA MET B 105 9.62 -12.57 22.43
C MET B 105 10.80 -11.63 22.59
N ARG B 106 12.04 -12.17 22.58
CA ARG B 106 13.25 -11.32 22.57
C ARG B 106 13.47 -10.92 21.12
N ILE B 107 13.26 -9.65 20.82
CA ILE B 107 13.41 -9.09 19.45
C ILE B 107 14.62 -8.17 19.54
N GLN B 108 15.74 -8.62 18.97
CA GLN B 108 17.06 -7.93 18.98
C GLN B 108 17.42 -7.44 20.39
N GLY B 109 17.46 -8.35 21.37
CA GLY B 109 18.00 -8.09 22.73
C GLY B 109 16.93 -7.72 23.76
N ARG B 110 15.78 -7.15 23.34
CA ARG B 110 14.71 -6.56 24.18
C ARG B 110 13.59 -7.60 24.36
N LEU B 111 12.96 -7.71 25.54
CA LEU B 111 11.74 -8.57 25.71
C LEU B 111 10.47 -7.75 25.41
N VAL B 112 9.67 -8.20 24.45
CA VAL B 112 8.43 -7.49 24.03
C VAL B 112 7.23 -8.42 24.16
N HIS B 113 6.17 -7.97 24.83
CA HIS B 113 4.91 -8.72 25.05
C HIS B 113 3.83 -8.19 24.10
N GLY B 114 3.13 -9.08 23.40
CA GLY B 114 2.00 -8.66 22.55
C GLY B 114 1.54 -9.80 21.67
N GLN B 115 0.71 -9.50 20.64
CA GLN B 115 0.21 -10.54 19.72
C GLN B 115 1.26 -10.69 18.61
N SER B 116 1.84 -11.88 18.54
CA SER B 116 2.76 -12.31 17.46
C SER B 116 2.06 -12.33 16.11
N GLY B 117 2.84 -12.07 15.06
CA GLY B 117 2.38 -12.10 13.67
C GLY B 117 3.51 -12.44 12.72
N MET B 118 3.16 -13.01 11.55
CA MET B 118 4.13 -13.34 10.47
C MET B 118 3.73 -12.56 9.20
N LEU B 119 4.63 -11.69 8.68
CA LEU B 119 4.40 -10.96 7.42
C LEU B 119 4.16 -11.94 6.27
N LEU B 120 3.25 -11.63 5.36
CA LEU B 120 2.87 -12.58 4.27
C LEU B 120 3.46 -12.11 2.95
N THR B 121 4.46 -11.24 3.01
CA THR B 121 5.11 -10.65 1.80
C THR B 121 6.36 -11.43 1.38
N GLY B 122 6.78 -12.44 2.15
CA GLY B 122 7.72 -13.47 1.71
C GLY B 122 9.17 -13.00 1.72
N ALA B 123 10.07 -13.95 1.45
CA ALA B 123 11.54 -13.80 1.27
C ALA B 123 12.10 -12.82 2.30
N ASN B 124 12.72 -11.73 1.82
CA ASN B 124 12.87 -10.45 2.55
C ASN B 124 12.04 -9.43 1.78
N ALA B 125 12.21 -8.15 2.13
CA ALA B 125 11.79 -7.01 1.28
C ALA B 125 12.67 -6.97 0.02
N LYS B 126 13.94 -7.40 0.12
CA LYS B 126 14.89 -7.43 -1.03
C LYS B 126 14.97 -6.03 -1.63
N GLY B 127 15.04 -5.02 -0.76
CA GLY B 127 15.02 -3.59 -1.12
C GLY B 127 13.74 -3.20 -1.84
N MET B 128 12.68 -3.97 -1.67
CA MET B 128 11.32 -3.59 -2.12
C MET B 128 10.51 -3.17 -0.87
N ASP B 129 9.39 -2.52 -1.11
CA ASP B 129 8.43 -2.02 -0.10
C ASP B 129 7.62 -3.19 0.45
N LEU B 130 8.27 -4.12 1.11
CA LEU B 130 7.57 -5.36 1.56
C LEU B 130 7.79 -5.64 3.05
N GLY B 131 8.52 -4.80 3.80
CA GLY B 131 8.71 -5.08 5.23
C GLY B 131 8.65 -3.84 6.10
N THR B 132 8.76 -3.97 7.42
CA THR B 132 8.74 -2.78 8.32
C THR B 132 10.15 -2.25 8.55
N ILE B 133 10.27 -1.02 9.03
CA ILE B 133 11.53 -0.38 9.52
C ILE B 133 11.26 0.20 10.92
N PRO B 134 12.28 0.53 11.73
CA PRO B 134 12.03 1.06 13.08
C PRO B 134 11.07 2.26 13.19
N GLY B 135 11.14 3.19 12.23
CA GLY B 135 10.32 4.40 12.20
C GLY B 135 8.84 4.11 11.99
N ASP B 136 8.45 2.86 11.69
CA ASP B 136 7.02 2.48 11.49
C ASP B 136 6.28 2.26 12.84
N CYS B 137 6.94 2.24 13.99
CA CYS B 137 6.26 1.87 15.26
C CYS B 137 5.08 2.84 15.55
N GLY B 138 3.97 2.29 16.01
CA GLY B 138 2.68 2.95 16.34
C GLY B 138 1.64 2.74 15.25
N ALA B 139 2.03 2.23 14.08
CA ALA B 139 1.11 1.95 12.96
C ALA B 139 0.04 0.96 13.43
N PRO B 140 -1.23 1.16 13.06
CA PRO B 140 -2.31 0.28 13.51
C PRO B 140 -2.41 -1.07 12.77
N TYR B 141 -2.85 -2.10 13.50
CA TYR B 141 -3.30 -3.41 12.94
C TYR B 141 -4.83 -3.37 12.81
N VAL B 142 -5.33 -3.62 11.60
CA VAL B 142 -6.78 -3.59 11.31
C VAL B 142 -7.19 -4.82 10.47
N TYR B 143 -8.49 -5.12 10.50
CA TYR B 143 -9.13 -6.09 9.57
C TYR B 143 -10.61 -5.75 9.43
N LYS B 144 -11.17 -6.19 8.29
CA LYS B 144 -12.60 -6.05 7.92
C LYS B 144 -13.37 -7.26 8.48
N ARG B 145 -14.39 -7.01 9.29
CA ARG B 145 -15.24 -8.11 9.84
C ARG B 145 -16.71 -7.80 9.59
N ALA B 146 -17.38 -8.63 8.79
CA ALA B 146 -18.70 -8.30 8.25
C ALA B 146 -18.53 -7.01 7.44
N ASN B 147 -19.19 -5.92 7.84
CA ASN B 147 -19.08 -4.60 7.16
C ASN B 147 -18.25 -3.63 8.01
N ASP B 148 -17.74 -4.06 9.17
CA ASP B 148 -17.06 -3.17 10.14
C ASP B 148 -15.54 -3.36 10.04
N TRP B 149 -14.78 -2.27 10.01
CA TRP B 149 -13.32 -2.20 10.26
C TRP B 149 -13.09 -2.36 11.76
N VAL B 150 -12.16 -3.22 12.15
CA VAL B 150 -11.75 -3.48 13.54
C VAL B 150 -10.29 -3.09 13.70
N VAL B 151 -9.95 -2.35 14.75
CA VAL B 151 -8.52 -2.05 15.01
C VAL B 151 -8.16 -2.86 16.25
N CYS B 152 -7.09 -3.65 16.21
CA CYS B 152 -6.83 -4.56 17.35
C CYS B 152 -5.44 -4.37 17.99
N GLY B 153 -4.68 -3.38 17.53
CA GLY B 153 -3.45 -2.89 18.22
C GLY B 153 -2.52 -2.04 17.37
N VAL B 154 -1.27 -1.90 17.85
CA VAL B 154 -0.26 -0.96 17.30
C VAL B 154 1.08 -1.70 17.11
N HIS B 155 1.86 -1.32 16.10
CA HIS B 155 3.16 -1.95 15.73
C HIS B 155 4.20 -1.63 16.81
N ALA B 156 4.67 -2.66 17.55
CA ALA B 156 5.64 -2.50 18.68
C ALA B 156 7.08 -2.89 18.29
N ALA B 157 7.28 -3.91 17.44
CA ALA B 157 8.64 -4.46 17.18
C ALA B 157 8.65 -5.41 15.97
N ALA B 158 9.82 -5.63 15.38
CA ALA B 158 10.00 -6.54 14.22
C ALA B 158 11.35 -7.21 14.34
N THR B 159 11.49 -8.47 13.99
CA THR B 159 12.81 -9.16 14.04
C THR B 159 13.72 -8.61 12.95
N LYS B 160 15.04 -8.70 13.17
CA LYS B 160 16.09 -8.36 12.20
C LYS B 160 15.68 -8.91 10.83
N SER B 161 15.34 -10.19 10.78
CA SER B 161 14.95 -10.86 9.50
C SER B 161 13.74 -10.16 8.90
N GLY B 162 12.90 -9.55 9.73
CA GLY B 162 11.72 -8.80 9.28
C GLY B 162 10.41 -9.55 9.46
N ASN B 163 10.40 -10.89 9.36
CA ASN B 163 9.14 -11.69 9.13
C ASN B 163 8.30 -11.86 10.41
N THR B 164 8.86 -11.91 11.62
CA THR B 164 8.06 -11.87 12.88
C THR B 164 7.91 -10.43 13.36
N VAL B 165 6.67 -10.06 13.70
CA VAL B 165 6.24 -8.73 14.23
C VAL B 165 5.48 -8.95 15.53
N VAL B 166 5.43 -7.88 16.35
CA VAL B 166 4.63 -7.87 17.59
C VAL B 166 3.68 -6.67 17.56
N CYS B 167 2.38 -6.97 17.68
CA CYS B 167 1.26 -6.01 17.79
C CYS B 167 0.94 -5.83 19.30
N ALA B 168 1.15 -4.64 19.87
CA ALA B 168 0.78 -4.39 21.27
C ALA B 168 -0.73 -4.21 21.34
N VAL B 169 -1.38 -4.76 22.38
CA VAL B 169 -2.86 -4.80 22.57
C VAL B 169 -3.25 -4.14 23.90
N GLN B 170 -4.50 -3.70 23.96
CA GLN B 170 -5.17 -3.13 25.15
C GLN B 170 -5.14 -4.19 26.27
N ALA B 171 -5.10 -3.74 27.54
CA ALA B 171 -5.50 -4.50 28.76
C ALA B 171 -5.02 -5.96 28.70
P PO4 C . 4.80 -16.22 -17.42
O1 PO4 C . 3.97 -16.56 -16.12
O2 PO4 C . 6.28 -16.28 -17.10
O3 PO4 C . 4.46 -17.27 -18.52
O4 PO4 C . 4.46 -14.79 -17.93
S DMS D . -6.81 5.91 -0.30
O DMS D . -7.07 6.20 -1.79
C1 DMS D . -5.49 4.72 -0.23
C2 DMS D . -5.90 7.30 0.33
N1 N1E E . 2.95 -17.98 4.65
C4 N1E E . -0.56 -18.84 4.35
C5 N1E E . 0.73 -18.56 4.02
C6 N1E E . 1.68 -18.29 5.02
C7 N1E E . 3.81 -17.70 5.62
C8 N1E E . 3.50 -17.75 7.02
C10 N1E E . 1.29 -18.36 6.38
C1 N1E E . -4.28 -17.94 6.88
O1 N1E E . -3.09 -17.99 6.00
C2 N1E E . -2.40 -19.23 6.01
O2 N1E E . -2.84 -20.42 6.19
C3 N1E E . -0.97 -18.92 5.68
C9 N1E E . 2.24 -18.10 7.40
C11 N1E E . -0.06 -18.68 6.66
#